data_6I65
#
_entry.id   6I65
#
_cell.length_a   64.434
_cell.length_b   64.434
_cell.length_c   137.275
_cell.angle_alpha   90.00
_cell.angle_beta   90.00
_cell.angle_gamma   90.00
#
_symmetry.space_group_name_H-M   'P 41 21 2'
#
loop_
_entity.id
_entity.type
_entity.pdbx_description
1 polymer 'Estrogen-related receptor gamma'
2 non-polymer 4-propan-2-ylphenol
3 water water
#
_entity_poly.entity_id   1
_entity_poly.type   'polypeptide(L)'
_entity_poly.pdbx_seq_one_letter_code
;GPHMLNPQLVQPAKKPYNKIVSHLLVAEPEKIYAMPDPTVPDSDIKALTTLCDLADRELVVIIGWAKHIPGFSTLSLADQ
MSLLQSAWMEILILGVVYRSLSFEDELVYADDYIMDEDQSKLAGLLDLNNAILQLVKKYKSMKLEKEEFVTLKAIALANS
DSMHIEDVEAVQKLQDVLHEALQDYEAGQHMEDPRRAGKMLMTLPLLRQTSTKAVQHFYNIKLEGKVPMHKLFLEMLEAK
V
;
_entity_poly.pdbx_strand_id   A
#
# COMPACT_ATOMS: atom_id res chain seq x y z
N TYR A 17 15.60 1.65 18.28
CA TYR A 17 15.96 0.75 17.18
C TYR A 17 16.40 1.52 15.95
N ASN A 18 16.20 0.87 14.81
CA ASN A 18 16.72 1.34 13.53
C ASN A 18 16.21 2.74 13.17
N LYS A 19 17.12 3.61 12.70
CA LYS A 19 16.75 5.01 12.47
CA LYS A 19 16.76 5.01 12.47
C LYS A 19 15.81 5.16 11.28
N ILE A 20 16.05 4.41 10.19
CA ILE A 20 15.16 4.49 9.04
C ILE A 20 13.74 4.12 9.45
N VAL A 21 13.59 3.04 10.23
CA VAL A 21 12.27 2.65 10.69
C VAL A 21 11.63 3.77 11.51
N SER A 22 12.39 4.37 12.43
CA SER A 22 11.82 5.45 13.23
CA SER A 22 11.86 5.47 13.23
CA SER A 22 11.84 5.47 13.24
C SER A 22 11.45 6.65 12.36
N HIS A 23 12.25 6.93 11.33
CA HIS A 23 11.97 8.03 10.41
C HIS A 23 10.70 7.76 9.62
N LEU A 24 10.53 6.54 9.12
CA LEU A 24 9.31 6.22 8.40
C LEU A 24 8.09 6.34 9.29
N LEU A 25 8.23 5.98 10.57
CA LEU A 25 7.10 6.12 11.50
C LEU A 25 6.65 7.57 11.61
N VAL A 26 7.60 8.49 11.78
CA VAL A 26 7.19 9.89 11.94
C VAL A 26 6.71 10.51 10.62
N ALA A 27 7.07 9.92 9.49
CA ALA A 27 6.59 10.39 8.19
C ALA A 27 5.20 9.86 7.86
N GLU A 28 4.62 9.02 8.72
CA GLU A 28 3.37 8.38 8.40
C GLU A 28 2.25 9.41 8.25
N PRO A 29 1.49 9.38 7.16
CA PRO A 29 0.38 10.33 6.98
C PRO A 29 -0.71 10.18 8.02
N GLU A 30 -1.43 11.28 8.21
CA GLU A 30 -2.64 11.28 9.01
C GLU A 30 -3.77 10.51 8.30
N LYS A 31 -4.74 10.08 9.10
CA LYS A 31 -5.92 9.40 8.60
C LYS A 31 -6.71 10.28 7.64
N ILE A 32 -7.36 9.65 6.67
CA ILE A 32 -8.17 10.31 5.66
C ILE A 32 -9.59 9.75 5.76
N TYR A 33 -10.59 10.61 5.68
CA TYR A 33 -11.98 10.19 5.70
C TYR A 33 -12.49 9.91 4.29
N ALA A 34 -13.36 8.90 4.18
CA ALA A 34 -13.99 8.58 2.90
C ALA A 34 -15.08 9.58 2.52
N MET A 35 -15.88 10.00 3.49
CA MET A 35 -16.99 10.92 3.27
C MET A 35 -17.92 10.50 2.12
N PRO A 36 -18.52 9.30 2.20
CA PRO A 36 -19.53 8.95 1.20
C PRO A 36 -20.68 9.95 1.27
N ASP A 37 -21.20 10.30 0.10
CA ASP A 37 -22.23 11.35 -0.01
C ASP A 37 -23.53 10.90 0.64
N PRO A 38 -23.98 11.51 1.73
CA PRO A 38 -25.18 11.04 2.43
C PRO A 38 -26.46 11.29 1.67
N THR A 39 -26.45 12.10 0.61
CA THR A 39 -27.65 12.36 -0.18
C THR A 39 -27.81 11.36 -1.31
N VAL A 40 -26.80 10.54 -1.60
CA VAL A 40 -26.81 9.65 -2.75
C VAL A 40 -27.33 8.28 -2.32
N PRO A 41 -28.27 7.68 -3.04
CA PRO A 41 -28.71 6.33 -2.67
C PRO A 41 -27.56 5.34 -2.77
N ASP A 42 -27.55 4.38 -1.86
CA ASP A 42 -26.55 3.32 -1.89
C ASP A 42 -26.68 2.51 -3.17
N SER A 43 -25.53 2.17 -3.76
CA SER A 43 -25.45 1.47 -5.04
C SER A 43 -24.00 1.08 -5.26
N ASP A 44 -23.78 0.20 -6.25
CA ASP A 44 -22.42 -0.11 -6.64
C ASP A 44 -21.68 1.13 -7.13
N ILE A 45 -22.36 1.96 -7.93
CA ILE A 45 -21.74 3.18 -8.43
C ILE A 45 -21.33 4.09 -7.28
N LYS A 46 -22.17 4.23 -6.25
CA LYS A 46 -21.81 5.07 -5.11
C LYS A 46 -20.58 4.52 -4.40
N ALA A 47 -20.55 3.20 -4.14
CA ALA A 47 -19.43 2.63 -3.40
C ALA A 47 -18.13 2.76 -4.21
N LEU A 48 -18.19 2.45 -5.50
CA LEU A 48 -17.00 2.57 -6.35
C LEU A 48 -16.55 4.02 -6.47
N THR A 49 -17.50 4.96 -6.61
CA THR A 49 -17.14 6.37 -6.65
C THR A 49 -16.44 6.80 -5.36
N THR A 50 -16.99 6.38 -4.22
CA THR A 50 -16.40 6.70 -2.92
C THR A 50 -14.99 6.17 -2.80
N LEU A 51 -14.77 4.91 -3.20
CA LEU A 51 -13.46 4.30 -3.07
C LEU A 51 -12.43 4.96 -3.98
N CYS A 52 -12.82 5.28 -5.22
CA CYS A 52 -11.87 5.91 -6.13
C CYS A 52 -11.54 7.33 -5.71
N ASP A 53 -12.51 8.04 -5.11
CA ASP A 53 -12.24 9.38 -4.61
C ASP A 53 -11.28 9.33 -3.43
N LEU A 54 -11.50 8.37 -2.52
CA LEU A 54 -10.60 8.17 -1.39
C LEU A 54 -9.19 7.85 -1.88
N ALA A 55 -9.08 6.94 -2.85
CA ALA A 55 -7.76 6.56 -3.38
C ALA A 55 -7.04 7.75 -3.98
N ASP A 56 -7.76 8.58 -4.74
CA ASP A 56 -7.15 9.77 -5.33
C ASP A 56 -6.52 10.67 -4.27
N ARG A 57 -7.25 10.92 -3.17
CA ARG A 57 -6.70 11.76 -2.11
C ARG A 57 -5.55 11.07 -1.38
N GLU A 58 -5.62 9.74 -1.21
CA GLU A 58 -4.51 9.03 -0.60
C GLU A 58 -3.27 9.11 -1.46
N LEU A 59 -3.45 9.08 -2.78
CA LEU A 59 -2.31 9.13 -3.69
C LEU A 59 -1.53 10.43 -3.53
N VAL A 60 -2.24 11.55 -3.35
CA VAL A 60 -1.55 12.82 -3.12
C VAL A 60 -0.64 12.74 -1.92
N VAL A 61 -1.13 12.17 -0.83
CA VAL A 61 -0.32 12.09 0.38
CA VAL A 61 -0.28 12.12 0.36
C VAL A 61 0.79 11.05 0.23
N ILE A 62 0.55 10.00 -0.56
CA ILE A 62 1.60 9.00 -0.81
C ILE A 62 2.78 9.63 -1.54
N ILE A 63 2.51 10.49 -2.52
CA ILE A 63 3.60 11.16 -3.24
C ILE A 63 4.43 12.01 -2.27
N GLY A 64 3.77 12.74 -1.37
CA GLY A 64 4.50 13.53 -0.40
C GLY A 64 5.26 12.67 0.60
N TRP A 65 4.66 11.54 0.98
CA TRP A 65 5.31 10.61 1.88
C TRP A 65 6.60 10.05 1.30
N ALA A 66 6.59 9.73 -0.01
CA ALA A 66 7.76 9.09 -0.61
C ALA A 66 8.99 9.98 -0.53
N LYS A 67 8.80 11.30 -0.50
CA LYS A 67 9.95 12.22 -0.43
C LYS A 67 10.74 12.05 0.85
N HIS A 68 10.15 11.48 1.91
CA HIS A 68 10.86 11.25 3.15
C HIS A 68 11.69 9.97 3.14
N ILE A 69 11.54 9.13 2.12
CA ILE A 69 12.30 7.87 2.08
C ILE A 69 13.73 8.18 1.68
N PRO A 70 14.74 7.79 2.49
CA PRO A 70 16.14 8.15 2.18
C PRO A 70 16.56 7.76 0.77
N GLY A 71 16.96 8.75 -0.03
CA GLY A 71 17.44 8.50 -1.37
C GLY A 71 16.39 8.56 -2.46
N PHE A 72 15.10 8.52 -2.13
CA PHE A 72 14.09 8.50 -3.17
C PHE A 72 14.08 9.79 -4.00
N SER A 73 14.17 10.94 -3.33
CA SER A 73 14.12 12.23 -4.00
CA SER A 73 14.11 12.22 -4.02
C SER A 73 15.37 12.51 -4.83
N THR A 74 16.44 11.74 -4.64
CA THR A 74 17.63 11.92 -5.46
C THR A 74 17.57 11.14 -6.78
N LEU A 75 16.62 10.21 -6.92
CA LEU A 75 16.35 9.61 -8.22
C LEU A 75 15.85 10.69 -9.18
N SER A 76 15.98 10.40 -10.48
CA SER A 76 15.37 11.28 -11.47
C SER A 76 13.86 11.34 -11.26
N LEU A 77 13.25 12.44 -11.71
CA LEU A 77 11.80 12.55 -11.62
C LEU A 77 11.12 11.43 -12.37
N ALA A 78 11.68 11.02 -13.51
CA ALA A 78 11.12 9.92 -14.27
C ALA A 78 11.17 8.61 -13.48
N ASP A 79 12.28 8.35 -12.78
CA ASP A 79 12.38 7.13 -12.00
C ASP A 79 11.44 7.17 -10.78
N GLN A 80 11.34 8.32 -10.12
CA GLN A 80 10.37 8.47 -9.04
C GLN A 80 8.97 8.14 -9.52
N MET A 81 8.59 8.67 -10.68
CA MET A 81 7.25 8.43 -11.20
C MET A 81 7.07 6.98 -11.61
N SER A 82 8.11 6.35 -12.17
CA SER A 82 8.03 4.94 -12.55
C SER A 82 7.78 4.05 -11.34
N LEU A 83 8.51 4.29 -10.25
CA LEU A 83 8.31 3.52 -9.02
CA LEU A 83 8.31 3.49 -9.04
C LEU A 83 6.90 3.70 -8.49
N LEU A 84 6.44 4.95 -8.42
CA LEU A 84 5.11 5.22 -7.91
C LEU A 84 4.03 4.61 -8.79
N GLN A 85 4.21 4.68 -10.12
CA GLN A 85 3.22 4.12 -11.03
C GLN A 85 3.17 2.60 -10.98
N SER A 86 4.24 1.94 -10.57
CA SER A 86 4.19 0.49 -10.39
C SER A 86 3.69 0.06 -9.02
N ALA A 87 3.92 0.88 -7.99
CA ALA A 87 3.67 0.47 -6.61
C ALA A 87 2.42 1.06 -5.98
N TRP A 88 1.77 2.03 -6.63
CA TRP A 88 0.73 2.82 -5.96
C TRP A 88 -0.35 1.95 -5.33
N MET A 89 -0.85 0.95 -6.06
CA MET A 89 -1.93 0.13 -5.53
C MET A 89 -1.45 -0.81 -4.42
N GLU A 90 -0.19 -1.28 -4.49
CA GLU A 90 0.37 -2.03 -3.37
C GLU A 90 0.40 -1.19 -2.10
N ILE A 91 0.76 0.09 -2.23
CA ILE A 91 0.83 0.95 -1.05
C ILE A 91 -0.56 1.21 -0.50
N LEU A 92 -1.53 1.47 -1.40
CA LEU A 92 -2.91 1.66 -0.95
C LEU A 92 -3.43 0.42 -0.23
N ILE A 93 -3.19 -0.77 -0.80
CA ILE A 93 -3.72 -1.99 -0.22
C ILE A 93 -3.06 -2.30 1.12
N LEU A 94 -1.74 -2.12 1.22
CA LEU A 94 -1.08 -2.33 2.51
CA LEU A 94 -1.08 -2.32 2.51
C LEU A 94 -1.71 -1.45 3.59
N GLY A 95 -2.12 -0.23 3.23
CA GLY A 95 -2.79 0.64 4.20
C GLY A 95 -4.13 0.07 4.67
N VAL A 96 -4.97 -0.36 3.74
CA VAL A 96 -6.26 -0.96 4.13
CA VAL A 96 -6.24 -0.92 4.18
C VAL A 96 -6.02 -2.19 4.99
N VAL A 97 -5.06 -3.03 4.58
CA VAL A 97 -4.72 -4.22 5.35
C VAL A 97 -4.34 -3.85 6.78
N TYR A 98 -3.42 -2.90 6.95
CA TYR A 98 -2.98 -2.55 8.30
C TYR A 98 -4.12 -2.01 9.14
N ARG A 99 -4.97 -1.15 8.56
CA ARG A 99 -6.08 -0.58 9.31
C ARG A 99 -7.09 -1.65 9.71
N SER A 100 -7.07 -2.81 9.06
CA SER A 100 -8.06 -3.86 9.31
C SER A 100 -7.60 -4.95 10.27
N LEU A 101 -6.39 -4.87 10.81
CA LEU A 101 -5.83 -6.01 11.55
C LEU A 101 -6.62 -6.35 12.80
N SER A 102 -7.24 -5.36 13.44
CA SER A 102 -7.97 -5.60 14.68
CA SER A 102 -7.98 -5.58 14.68
C SER A 102 -9.45 -5.90 14.44
N PHE A 103 -9.86 -6.07 13.19
CA PHE A 103 -11.24 -6.34 12.81
C PHE A 103 -11.35 -7.78 12.29
N GLU A 104 -12.59 -8.25 12.16
CA GLU A 104 -12.86 -9.62 11.74
C GLU A 104 -13.73 -9.60 10.48
N ASP A 105 -13.15 -10.04 9.36
CA ASP A 105 -13.85 -10.17 8.08
C ASP A 105 -14.42 -8.84 7.58
N GLU A 106 -13.79 -7.73 8.00
CA GLU A 106 -14.16 -6.39 7.56
C GLU A 106 -12.92 -5.63 7.14
N LEU A 107 -13.08 -4.75 6.15
CA LEU A 107 -11.98 -3.93 5.62
C LEU A 107 -12.19 -2.46 5.96
N VAL A 108 -11.23 -1.89 6.67
CA VAL A 108 -11.30 -0.50 7.15
C VAL A 108 -10.65 0.36 6.07
N TYR A 109 -11.41 0.65 5.01
CA TYR A 109 -10.93 1.57 4.00
C TYR A 109 -10.72 2.95 4.60
N ALA A 110 -11.60 3.35 5.51
CA ALA A 110 -11.48 4.54 6.32
C ALA A 110 -12.30 4.33 7.59
N ASP A 111 -12.11 5.22 8.58
CA ASP A 111 -12.86 5.08 9.82
C ASP A 111 -14.37 5.17 9.57
N ASP A 112 -14.77 5.96 8.58
CA ASP A 112 -16.16 6.10 8.17
C ASP A 112 -16.50 5.24 6.95
N TYR A 113 -15.68 4.23 6.63
CA TYR A 113 -15.98 3.38 5.47
C TYR A 113 -15.38 1.98 5.71
N ILE A 114 -16.13 1.16 6.43
CA ILE A 114 -15.74 -0.21 6.77
C ILE A 114 -16.66 -1.16 6.02
N MET A 115 -16.07 -1.98 5.14
CA MET A 115 -16.84 -2.85 4.25
C MET A 115 -16.87 -4.27 4.79
N ASP A 116 -18.08 -4.79 5.01
CA ASP A 116 -18.25 -6.19 5.33
C ASP A 116 -18.62 -6.96 4.06
N GLU A 117 -18.92 -8.24 4.20
CA GLU A 117 -19.15 -9.08 3.03
C GLU A 117 -20.34 -8.60 2.21
N ASP A 118 -21.44 -8.23 2.88
CA ASP A 118 -22.62 -7.74 2.16
C ASP A 118 -22.27 -6.51 1.31
N GLN A 119 -21.56 -5.55 1.89
CA GLN A 119 -21.18 -4.36 1.13
C GLN A 119 -20.25 -4.69 0.00
N SER A 120 -19.32 -5.64 0.21
CA SER A 120 -18.43 -6.03 -0.88
C SER A 120 -19.24 -6.63 -2.04
N LYS A 121 -20.22 -7.49 -1.73
CA LYS A 121 -21.06 -8.03 -2.78
C LYS A 121 -21.80 -6.94 -3.54
N LEU A 122 -22.41 -5.99 -2.80
CA LEU A 122 -23.13 -4.90 -3.43
C LEU A 122 -22.24 -4.06 -4.34
N ALA A 123 -20.96 -3.90 -3.98
CA ALA A 123 -20.05 -3.11 -4.79
C ALA A 123 -19.40 -3.91 -5.91
N GLY A 124 -19.68 -5.22 -6.00
CA GLY A 124 -19.00 -6.04 -7.00
C GLY A 124 -17.55 -6.32 -6.68
N LEU A 125 -17.18 -6.24 -5.40
CA LEU A 125 -15.80 -6.36 -4.95
C LEU A 125 -15.57 -7.58 -4.08
N LEU A 126 -16.47 -8.58 -4.13
CA LEU A 126 -16.33 -9.72 -3.23
C LEU A 126 -15.00 -10.43 -3.41
N ASP A 127 -14.62 -10.70 -4.67
CA ASP A 127 -13.38 -11.43 -4.91
C ASP A 127 -12.15 -10.61 -4.53
N LEU A 128 -12.13 -9.32 -4.87
CA LEU A 128 -11.00 -8.47 -4.53
C LEU A 128 -10.87 -8.32 -3.01
N ASN A 129 -11.98 -8.05 -2.32
CA ASN A 129 -11.89 -7.84 -0.89
C ASN A 129 -11.59 -9.14 -0.16
N ASN A 130 -11.98 -10.29 -0.71
CA ASN A 130 -11.58 -11.55 -0.11
C ASN A 130 -10.07 -11.75 -0.22
N ALA A 131 -9.46 -11.33 -1.35
CA ALA A 131 -8.02 -11.41 -1.47
C ALA A 131 -7.33 -10.50 -0.46
N ILE A 132 -7.86 -9.28 -0.27
CA ILE A 132 -7.28 -8.40 0.74
C ILE A 132 -7.42 -9.00 2.13
N LEU A 133 -8.56 -9.66 2.41
CA LEU A 133 -8.72 -10.31 3.70
C LEU A 133 -7.73 -11.48 3.87
N GLN A 134 -7.29 -12.10 2.78
CA GLN A 134 -6.25 -13.12 2.87
C GLN A 134 -4.92 -12.50 3.32
N LEU A 135 -4.59 -11.32 2.83
CA LEU A 135 -3.42 -10.59 3.33
C LEU A 135 -3.57 -10.27 4.82
N VAL A 136 -4.77 -9.82 5.22
CA VAL A 136 -5.02 -9.51 6.63
C VAL A 136 -4.81 -10.74 7.49
N LYS A 137 -5.35 -11.89 7.04
CA LYS A 137 -5.24 -13.13 7.80
C LYS A 137 -3.78 -13.48 8.07
N LYS A 138 -2.94 -13.40 7.05
CA LYS A 138 -1.54 -13.74 7.23
C LYS A 138 -0.83 -12.76 8.16
N TYR A 139 -1.08 -11.45 8.01
CA TYR A 139 -0.41 -10.50 8.87
C TYR A 139 -0.90 -10.58 10.32
N LYS A 140 -2.17 -10.95 10.53
CA LYS A 140 -2.65 -11.20 11.89
CA LYS A 140 -2.65 -11.20 11.89
C LYS A 140 -1.85 -12.30 12.57
N SER A 141 -1.67 -13.43 11.88
CA SER A 141 -0.93 -14.54 12.50
C SER A 141 0.52 -14.17 12.77
N MET A 142 1.12 -13.32 11.93
CA MET A 142 2.48 -12.86 12.14
C MET A 142 2.58 -11.73 13.15
N LYS A 143 1.45 -11.19 13.61
CA LYS A 143 1.43 -10.05 14.53
C LYS A 143 2.22 -8.88 13.96
N LEU A 144 1.84 -8.47 12.74
CA LEU A 144 2.49 -7.36 12.05
C LEU A 144 2.44 -6.09 12.91
N GLU A 145 3.59 -5.46 13.07
CA GLU A 145 3.77 -4.24 13.86
C GLU A 145 3.76 -3.01 12.94
N LYS A 146 3.42 -1.85 13.51
CA LYS A 146 3.41 -0.63 12.70
C LYS A 146 4.79 -0.36 12.09
N GLU A 147 5.86 -0.62 12.86
CA GLU A 147 7.22 -0.49 12.35
C GLU A 147 7.44 -1.33 11.10
N GLU A 148 6.91 -2.55 11.11
CA GLU A 148 7.09 -3.44 9.97
C GLU A 148 6.22 -3.03 8.79
N PHE A 149 4.99 -2.57 9.08
CA PHE A 149 4.10 -2.05 8.05
C PHE A 149 4.73 -0.88 7.27
N VAL A 150 5.26 0.12 7.98
CA VAL A 150 5.78 1.27 7.24
C VAL A 150 7.03 0.90 6.45
N THR A 151 7.84 -0.02 6.97
CA THR A 151 9.04 -0.45 6.24
C THR A 151 8.66 -1.26 5.00
N LEU A 152 7.63 -2.12 5.12
CA LEU A 152 7.17 -2.88 3.96
C LEU A 152 6.55 -1.98 2.89
N LYS A 153 5.86 -0.90 3.28
CA LYS A 153 5.38 0.06 2.29
C LYS A 153 6.53 0.64 1.49
N ALA A 154 7.62 1.03 2.19
CA ALA A 154 8.76 1.61 1.48
C ALA A 154 9.45 0.57 0.59
N ILE A 155 9.59 -0.67 1.09
CA ILE A 155 10.19 -1.73 0.28
C ILE A 155 9.34 -2.03 -0.95
N ALA A 156 8.01 -2.06 -0.78
CA ALA A 156 7.14 -2.30 -1.94
C ALA A 156 7.32 -1.21 -3.01
N LEU A 157 7.50 0.04 -2.59
CA LEU A 157 7.79 1.10 -3.54
C LEU A 157 9.10 0.86 -4.27
N ALA A 158 10.16 0.58 -3.51
CA ALA A 158 11.48 0.43 -4.13
C ALA A 158 11.57 -0.83 -5.00
N ASN A 159 10.85 -1.88 -4.64
CA ASN A 159 10.92 -3.19 -5.28
C ASN A 159 9.79 -3.42 -6.29
N SER A 160 9.22 -2.37 -6.87
CA SER A 160 7.99 -2.53 -7.62
C SER A 160 8.17 -3.02 -9.07
N ASP A 161 9.41 -3.18 -9.54
CA ASP A 161 9.71 -3.88 -10.81
C ASP A 161 9.16 -3.17 -12.03
N SER A 162 9.22 -1.83 -12.02
CA SER A 162 8.89 -1.07 -13.23
C SER A 162 9.78 -1.50 -14.39
N MET A 163 9.17 -1.60 -15.58
CA MET A 163 9.89 -1.88 -16.82
C MET A 163 10.67 -0.67 -17.34
N HIS A 164 10.49 0.51 -16.75
CA HIS A 164 10.94 1.76 -17.34
C HIS A 164 12.05 2.46 -16.57
N ILE A 165 12.75 1.75 -15.69
CA ILE A 165 13.74 2.40 -14.82
C ILE A 165 14.95 2.83 -15.64
N GLU A 166 15.41 4.06 -15.40
CA GLU A 166 16.62 4.59 -16.02
C GLU A 166 17.87 4.14 -15.26
N ASP A 167 17.91 4.42 -13.96
CA ASP A 167 19.10 4.13 -13.13
C ASP A 167 18.82 2.88 -12.31
N VAL A 168 19.04 1.73 -12.94
CA VAL A 168 18.77 0.43 -12.31
C VAL A 168 19.60 0.28 -11.03
N GLU A 169 20.87 0.70 -11.06
CA GLU A 169 21.74 0.52 -9.90
C GLU A 169 21.30 1.37 -8.72
N ALA A 170 20.83 2.60 -8.98
CA ALA A 170 20.36 3.45 -7.88
C ALA A 170 19.10 2.88 -7.24
N VAL A 171 18.21 2.31 -8.06
CA VAL A 171 17.00 1.72 -7.49
C VAL A 171 17.35 0.48 -6.67
N GLN A 172 18.33 -0.31 -7.15
CA GLN A 172 18.80 -1.45 -6.37
CA GLN A 172 18.78 -1.46 -6.37
C GLN A 172 19.41 -1.00 -5.05
N LYS A 173 20.13 0.12 -5.05
CA LYS A 173 20.68 0.66 -3.82
C LYS A 173 19.58 1.04 -2.83
N LEU A 174 18.51 1.68 -3.33
CA LEU A 174 17.38 2.03 -2.47
C LEU A 174 16.75 0.77 -1.85
N GLN A 175 16.55 -0.27 -2.67
CA GLN A 175 16.09 -1.55 -2.17
C GLN A 175 16.98 -2.06 -1.05
N ASP A 176 18.31 -1.97 -1.25
CA ASP A 176 19.22 -2.51 -0.25
CA ASP A 176 19.25 -2.49 -0.27
C ASP A 176 19.16 -1.72 1.05
N VAL A 177 19.02 -0.40 0.95
CA VAL A 177 18.98 0.44 2.15
C VAL A 177 17.76 0.09 2.99
N LEU A 178 16.61 -0.14 2.35
CA LEU A 178 15.37 -0.42 3.08
C LEU A 178 15.35 -1.85 3.59
N HIS A 179 15.86 -2.80 2.77
CA HIS A 179 16.00 -4.18 3.24
C HIS A 179 16.91 -4.26 4.46
N GLU A 180 18.03 -3.52 4.44
CA GLU A 180 18.90 -3.46 5.62
C GLU A 180 18.16 -2.94 6.84
N ALA A 181 17.32 -1.92 6.66
CA ALA A 181 16.55 -1.41 7.80
C ALA A 181 15.63 -2.48 8.39
N LEU A 182 14.91 -3.20 7.53
CA LEU A 182 14.04 -4.27 8.00
C LEU A 182 14.85 -5.35 8.73
N GLN A 183 15.99 -5.76 8.15
CA GLN A 183 16.78 -6.81 8.77
CA GLN A 183 16.82 -6.79 8.76
C GLN A 183 17.34 -6.36 10.12
N ASP A 184 17.84 -5.12 10.19
CA ASP A 184 18.35 -4.58 11.45
CA ASP A 184 18.35 -4.56 11.44
C ASP A 184 17.25 -4.47 12.49
N TYR A 185 16.07 -4.00 12.09
CA TYR A 185 14.94 -3.94 13.02
C TYR A 185 14.64 -5.32 13.59
N GLU A 186 14.51 -6.33 12.71
CA GLU A 186 14.11 -7.66 13.18
C GLU A 186 15.20 -8.30 14.03
N ALA A 187 16.47 -8.05 13.71
CA ALA A 187 17.56 -8.62 14.48
C ALA A 187 17.57 -8.09 15.91
N GLY A 188 17.19 -6.84 16.10
CA GLY A 188 17.18 -6.24 17.41
C GLY A 188 15.89 -6.46 18.18
N GLN A 189 14.76 -6.46 17.49
CA GLN A 189 13.48 -6.51 18.16
CA GLN A 189 13.46 -6.51 18.13
C GLN A 189 12.87 -7.92 18.23
N HIS A 190 13.33 -8.86 17.38
CA HIS A 190 12.72 -10.18 17.33
C HIS A 190 13.79 -11.27 17.32
N MET A 191 14.60 -11.29 18.39
CA MET A 191 15.65 -12.29 18.48
C MET A 191 15.10 -13.70 18.60
N GLU A 192 13.84 -13.88 19.00
CA GLU A 192 13.24 -15.20 19.11
C GLU A 192 13.00 -15.86 17.74
N ASP A 193 12.98 -15.08 16.66
CA ASP A 193 12.78 -15.62 15.31
C ASP A 193 13.82 -15.02 14.39
N PRO A 194 14.97 -15.68 14.21
CA PRO A 194 16.01 -15.13 13.34
C PRO A 194 15.62 -15.06 11.87
N ARG A 195 14.48 -15.62 11.48
CA ARG A 195 14.02 -15.58 10.10
C ARG A 195 12.82 -14.66 9.89
N ARG A 196 12.51 -13.79 10.86
CA ARG A 196 11.30 -12.99 10.74
C ARG A 196 11.39 -12.00 9.58
N ALA A 197 12.55 -11.39 9.33
CA ALA A 197 12.64 -10.45 8.22
C ALA A 197 12.31 -11.14 6.90
N GLY A 198 12.83 -12.35 6.70
CA GLY A 198 12.52 -13.07 5.48
C GLY A 198 11.07 -13.47 5.38
N LYS A 199 10.44 -13.84 6.52
CA LYS A 199 9.00 -14.08 6.51
C LYS A 199 8.24 -12.85 6.06
N MET A 200 8.67 -11.66 6.52
CA MET A 200 8.03 -10.43 6.04
C MET A 200 8.21 -10.26 4.54
N LEU A 201 9.41 -10.51 4.02
CA LEU A 201 9.63 -10.37 2.58
C LEU A 201 8.78 -11.36 1.80
N MET A 202 8.53 -12.55 2.38
CA MET A 202 7.74 -13.57 1.70
C MET A 202 6.25 -13.24 1.66
N THR A 203 5.81 -12.15 2.28
CA THR A 203 4.43 -11.71 2.13
C THR A 203 4.25 -10.81 0.92
N LEU A 204 5.33 -10.36 0.30
CA LEU A 204 5.23 -9.43 -0.81
C LEU A 204 4.63 -10.04 -2.08
N PRO A 205 4.84 -11.33 -2.40
CA PRO A 205 4.17 -11.87 -3.61
C PRO A 205 2.65 -11.77 -3.55
N LEU A 206 2.03 -12.06 -2.41
CA LEU A 206 0.58 -11.95 -2.33
C LEU A 206 0.13 -10.49 -2.43
N LEU A 207 0.92 -9.56 -1.89
CA LEU A 207 0.60 -8.15 -2.06
C LEU A 207 0.63 -7.76 -3.54
N ARG A 208 1.65 -8.22 -4.29
CA ARG A 208 1.75 -7.92 -5.71
C ARG A 208 0.58 -8.53 -6.47
N GLN A 209 0.22 -9.77 -6.13
CA GLN A 209 -0.89 -10.45 -6.79
C GLN A 209 -2.20 -9.73 -6.54
N THR A 210 -2.42 -9.30 -5.29
CA THR A 210 -3.70 -8.65 -4.96
C THR A 210 -3.79 -7.29 -5.59
N SER A 211 -2.67 -6.56 -5.65
CA SER A 211 -2.64 -5.25 -6.28
CA SER A 211 -2.70 -5.25 -6.26
C SER A 211 -2.93 -5.34 -7.77
N THR A 212 -2.34 -6.34 -8.44
CA THR A 212 -2.62 -6.51 -9.85
C THR A 212 -4.10 -6.80 -10.08
N LYS A 213 -4.70 -7.63 -9.23
CA LYS A 213 -6.14 -7.89 -9.33
C LYS A 213 -6.93 -6.60 -9.21
N ALA A 214 -6.53 -5.72 -8.28
CA ALA A 214 -7.28 -4.48 -8.06
C ALA A 214 -7.10 -3.51 -9.24
N VAL A 215 -5.89 -3.37 -9.74
CA VAL A 215 -5.65 -2.48 -10.89
C VAL A 215 -6.47 -2.93 -12.08
N GLN A 216 -6.48 -4.23 -12.35
CA GLN A 216 -7.23 -4.74 -13.50
C GLN A 216 -8.73 -4.49 -13.33
N HIS A 217 -9.24 -4.72 -12.11
CA HIS A 217 -10.66 -4.50 -11.86
C HIS A 217 -11.03 -3.05 -12.08
N PHE A 218 -10.25 -2.13 -11.53
CA PHE A 218 -10.62 -0.73 -11.66
C PHE A 218 -10.29 -0.15 -13.03
N TYR A 219 -9.34 -0.75 -13.76
CA TYR A 219 -9.17 -0.36 -15.16
C TYR A 219 -10.42 -0.70 -15.96
N ASN A 220 -11.04 -1.84 -15.67
CA ASN A 220 -12.26 -2.21 -16.40
C ASN A 220 -13.42 -1.31 -16.02
N ILE A 221 -13.49 -0.91 -14.74
CA ILE A 221 -14.51 0.06 -14.32
C ILE A 221 -14.31 1.37 -15.06
N LYS A 222 -13.05 1.78 -15.25
CA LYS A 222 -12.77 2.99 -16.02
C LYS A 222 -13.30 2.88 -17.44
N LEU A 223 -13.05 1.73 -18.10
CA LEU A 223 -13.49 1.53 -19.47
C LEU A 223 -15.01 1.63 -19.59
N GLU A 224 -15.74 1.10 -18.60
CA GLU A 224 -17.20 1.10 -18.66
C GLU A 224 -17.78 2.50 -18.50
N GLY A 225 -17.03 3.43 -17.92
CA GLY A 225 -17.40 4.84 -17.94
C GLY A 225 -18.54 5.25 -17.04
N LYS A 226 -18.99 4.40 -16.12
CA LYS A 226 -20.09 4.74 -15.24
C LYS A 226 -19.66 5.25 -13.87
N VAL A 227 -18.36 5.26 -13.57
CA VAL A 227 -17.85 5.72 -12.28
C VAL A 227 -16.89 6.87 -12.54
N PRO A 228 -17.17 8.08 -12.08
CA PRO A 228 -16.22 9.18 -12.29
C PRO A 228 -14.96 8.98 -11.48
N MET A 229 -13.82 9.33 -12.08
CA MET A 229 -12.53 9.22 -11.45
C MET A 229 -11.76 10.52 -11.62
N HIS A 230 -10.97 10.88 -10.61
CA HIS A 230 -10.20 12.12 -10.63
C HIS A 230 -8.86 11.91 -11.34
N LYS A 231 -8.13 13.01 -11.51
CA LYS A 231 -7.00 13.05 -12.45
C LYS A 231 -5.84 12.16 -12.00
N LEU A 232 -5.46 12.24 -10.72
CA LEU A 232 -4.30 11.49 -10.27
C LEU A 232 -4.56 9.99 -10.27
N PHE A 233 -5.73 9.58 -9.78
CA PHE A 233 -6.14 8.17 -9.86
C PHE A 233 -6.12 7.68 -11.30
N LEU A 234 -6.69 8.47 -12.22
CA LEU A 234 -6.71 8.08 -13.63
C LEU A 234 -5.30 8.00 -14.20
N GLU A 235 -4.42 8.92 -13.79
CA GLU A 235 -3.03 8.90 -14.23
C GLU A 235 -2.34 7.59 -13.85
N MET A 236 -2.53 7.15 -12.60
CA MET A 236 -1.94 5.87 -12.16
C MET A 236 -2.58 4.69 -12.88
N LEU A 237 -3.90 4.73 -13.03
CA LEU A 237 -4.62 3.63 -13.67
C LEU A 237 -4.22 3.47 -15.12
N GLU A 238 -3.83 4.55 -15.80
CA GLU A 238 -3.50 4.51 -17.21
C GLU A 238 -2.00 4.34 -17.48
N ALA A 239 -1.19 4.18 -16.44
CA ALA A 239 0.23 3.96 -16.63
C ALA A 239 0.49 2.61 -17.29
N LYS A 240 1.54 2.57 -18.11
CA LYS A 240 1.89 1.34 -18.85
C LYS A 240 2.59 0.32 -17.95
#